data_2XSS
#
_entry.id   2XSS
#
_cell.length_a   64.750
_cell.length_b   64.750
_cell.length_c   145.310
_cell.angle_alpha   90.00
_cell.angle_beta   90.00
_cell.angle_gamma   120.00
#
_symmetry.space_group_name_H-M   'P 31 2 1'
#
_entity_poly.entity_id   1
_entity_poly.type   'polypeptide(L)'
_entity_poly.pdbx_seq_one_letter_code
;MASWSHPQFEKGAETASLEVILKKIAATIISFMQVQKCTIFIVDEDCSDSFSSVFHMECEELEKSSDTLTREHDANKINY
MYAQYVKNTMEPLNIPDVSKDKRFPWTTENTGNVNQQCIRSLLCTPIKNGKKNKVIGVCQLVNKMEENTGKVKPFNRNDE
QFLEAFVIFCGLGIQNTQMYA
;
_entity_poly.pdbx_strand_id   A,B
#
# COMPACT_ATOMS: atom_id res chain seq x y z
N GLU A 10 -20.15 10.57 21.40
CA GLU A 10 -19.46 9.73 22.41
C GLU A 10 -19.75 8.24 22.24
N LYS A 11 -21.02 7.89 21.97
CA LYS A 11 -21.47 6.50 21.73
C LYS A 11 -21.47 6.03 20.25
N GLY A 12 -21.26 6.97 19.32
CA GLY A 12 -20.97 6.66 17.91
C GLY A 12 -19.47 6.72 17.72
N ALA A 13 -18.79 7.24 18.73
CA ALA A 13 -17.34 7.38 18.77
C ALA A 13 -16.66 6.07 19.17
N GLU A 14 -17.34 5.30 20.03
CA GLU A 14 -16.88 3.96 20.42
C GLU A 14 -17.19 2.91 19.34
N THR A 15 -18.11 3.22 18.41
CA THR A 15 -18.47 2.27 17.35
C THR A 15 -17.56 2.34 16.10
N ALA A 16 -17.17 3.55 15.70
CA ALA A 16 -16.15 3.70 14.64
C ALA A 16 -14.79 3.14 15.12
N SER A 17 -14.44 3.43 16.38
CA SER A 17 -13.36 2.77 17.10
C SER A 17 -13.30 1.27 16.87
N LEU A 18 -14.38 0.59 17.26
CA LEU A 18 -14.52 -0.86 17.17
C LEU A 18 -14.33 -1.41 15.78
N GLU A 19 -14.93 -0.75 14.79
CA GLU A 19 -14.78 -1.21 13.42
C GLU A 19 -13.29 -1.24 13.11
N VAL A 20 -12.58 -0.18 13.47
CA VAL A 20 -11.12 -0.10 13.25
C VAL A 20 -10.37 -1.29 13.85
N ILE A 21 -10.64 -1.58 15.11
CA ILE A 21 -10.09 -2.75 15.79
C ILE A 21 -10.44 -4.07 15.09
N LEU A 22 -11.68 -4.19 14.65
CA LEU A 22 -12.12 -5.43 14.05
C LEU A 22 -11.32 -5.66 12.76
N LYS A 23 -11.21 -4.62 11.93
CA LYS A 23 -10.42 -4.70 10.71
C LYS A 23 -8.95 -5.06 11.04
N LYS A 24 -8.38 -4.40 12.05
CA LYS A 24 -7.03 -4.71 12.47
C LYS A 24 -6.91 -6.16 12.89
N ILE A 25 -7.85 -6.63 13.73
CA ILE A 25 -7.88 -8.01 14.17
C ILE A 25 -7.85 -8.95 12.97
N ALA A 26 -8.78 -8.78 12.03
CA ALA A 26 -8.95 -9.73 10.93
C ALA A 26 -7.75 -9.68 10.00
N ALA A 27 -7.22 -8.47 9.79
CA ALA A 27 -6.04 -8.36 8.96
C ALA A 27 -4.90 -9.08 9.66
N THR A 28 -4.77 -8.90 10.97
CA THR A 28 -3.65 -9.49 11.72
C THR A 28 -3.73 -11.01 11.65
N ILE A 29 -4.91 -11.56 11.91
CA ILE A 29 -5.04 -13.00 11.97
C ILE A 29 -4.83 -13.65 10.62
N ILE A 30 -5.38 -13.06 9.56
CA ILE A 30 -5.15 -13.53 8.19
C ILE A 30 -3.67 -13.63 7.86
N SER A 31 -2.96 -12.52 8.09
CA SER A 31 -1.54 -12.42 7.88
C SER A 31 -0.75 -13.48 8.64
N PHE A 32 -1.10 -13.74 9.90
CA PHE A 32 -0.33 -14.66 10.73
C PHE A 32 -0.65 -16.10 10.42
N MET A 33 -1.91 -16.36 10.06
CA MET A 33 -2.43 -17.73 10.03
C MET A 33 -2.45 -18.34 8.64
N GLN A 34 -2.42 -17.49 7.62
CA GLN A 34 -2.47 -17.96 6.24
C GLN A 34 -3.77 -18.70 5.94
N VAL A 35 -4.84 -17.94 6.01
CA VAL A 35 -6.19 -18.44 5.80
C VAL A 35 -6.79 -17.49 4.79
N GLN A 36 -7.83 -17.88 4.08
CA GLN A 36 -8.34 -16.95 3.08
C GLN A 36 -9.37 -16.02 3.66
N LYS A 37 -10.02 -16.45 4.73
CA LYS A 37 -11.20 -15.76 5.22
C LYS A 37 -11.21 -15.62 6.72
N CYS A 38 -11.55 -14.42 7.19
CA CYS A 38 -11.72 -14.19 8.61
C CYS A 38 -13.03 -13.46 8.84
N THR A 39 -13.83 -13.91 9.81
CA THR A 39 -15.03 -13.15 10.21
C THR A 39 -15.06 -13.01 11.75
N ILE A 40 -15.12 -11.78 12.24
CA ILE A 40 -15.16 -11.53 13.67
C ILE A 40 -16.57 -11.09 14.08
N PHE A 41 -17.15 -11.82 15.02
CA PHE A 41 -18.48 -11.51 15.44
C PHE A 41 -18.36 -10.94 16.84
N ILE A 42 -19.09 -9.85 17.08
CA ILE A 42 -19.18 -9.25 18.39
C ILE A 42 -20.55 -9.58 18.85
N VAL A 43 -20.66 -10.20 20.02
CA VAL A 43 -21.96 -10.52 20.62
C VAL A 43 -22.66 -9.22 21.07
N ASP A 44 -23.89 -9.02 20.62
CA ASP A 44 -24.64 -7.85 21.05
C ASP A 44 -24.75 -7.83 22.58
N GLU A 45 -24.16 -6.81 23.20
CA GLU A 45 -24.36 -6.49 24.63
C GLU A 45 -25.83 -6.41 25.07
N ASP A 46 -26.71 -5.94 24.17
CA ASP A 46 -28.14 -5.71 24.46
C ASP A 46 -28.97 -7.00 24.58
N CYS A 47 -28.56 -8.05 23.87
CA CYS A 47 -29.14 -9.40 24.03
C CYS A 47 -28.19 -10.43 23.44
N SER A 48 -27.83 -11.42 24.26
CA SER A 48 -26.73 -12.32 23.90
C SER A 48 -26.99 -13.33 22.77
N ASP A 49 -28.22 -13.40 22.26
CA ASP A 49 -28.47 -14.27 21.09
C ASP A 49 -28.07 -13.70 19.71
N SER A 50 -27.53 -12.49 19.67
CA SER A 50 -27.29 -11.87 18.38
C SER A 50 -25.95 -11.21 18.29
N PHE A 51 -25.55 -10.89 17.07
CA PHE A 51 -24.27 -10.22 16.84
C PHE A 51 -24.49 -8.78 16.42
N SER A 52 -23.81 -7.87 17.10
CA SER A 52 -23.91 -6.45 16.78
C SER A 52 -22.91 -6.01 15.74
N SER A 53 -21.88 -6.80 15.51
CA SER A 53 -20.95 -6.55 14.41
C SER A 53 -20.55 -7.89 13.85
N VAL A 54 -20.50 -7.97 12.52
CA VAL A 54 -19.91 -9.09 11.85
C VAL A 54 -19.00 -8.39 10.87
N PHE A 55 -17.71 -8.43 11.17
CA PHE A 55 -16.68 -7.88 10.32
C PHE A 55 -16.00 -8.94 9.47
N HIS A 56 -16.18 -8.88 8.16
CA HIS A 56 -15.60 -9.89 7.27
C HIS A 56 -14.41 -9.36 6.47
N MET A 57 -13.40 -10.21 6.28
CA MET A 57 -12.31 -9.86 5.42
C MET A 57 -11.87 -11.10 4.71
N GLU A 58 -11.51 -11.01 3.43
CA GLU A 58 -10.99 -12.20 2.76
C GLU A 58 -9.93 -11.92 1.70
N CYS A 59 -9.24 -12.99 1.28
CA CYS A 59 -7.97 -12.95 0.53
C CYS A 59 -7.65 -14.21 -0.23
N GLU A 60 -7.88 -14.23 -1.52
CA GLU A 60 -7.65 -15.47 -2.21
C GLU A 60 -7.54 -15.29 -3.70
N GLU A 61 -6.88 -16.25 -4.34
CA GLU A 61 -6.80 -16.37 -5.78
C GLU A 61 -7.95 -17.25 -6.26
N LEU A 62 -8.83 -16.67 -7.07
CA LEU A 62 -10.01 -17.35 -7.61
C LEU A 62 -9.82 -18.17 -8.87
N GLU A 63 -8.65 -18.09 -9.50
CA GLU A 63 -8.38 -18.91 -10.68
C GLU A 63 -7.22 -19.91 -10.44
N LYS A 64 -7.55 -21.03 -9.80
CA LYS A 64 -6.58 -22.05 -9.43
C LYS A 64 -6.49 -23.14 -10.47
N SER A 65 -7.34 -23.03 -11.50
CA SER A 65 -7.43 -24.00 -12.57
C SER A 65 -6.65 -23.55 -13.81
N SER A 66 -6.05 -24.52 -14.51
CA SER A 66 -5.41 -24.29 -15.81
C SER A 66 -6.20 -24.95 -16.95
N ASP A 67 -6.58 -24.13 -17.94
CA ASP A 67 -7.58 -24.48 -18.96
C ASP A 67 -7.52 -25.93 -19.50
N THR A 70 -10.81 -24.13 -19.63
CA THR A 70 -11.44 -24.15 -18.30
C THR A 70 -11.36 -22.79 -17.58
N ARG A 71 -10.40 -21.94 -17.95
CA ARG A 71 -10.43 -20.52 -17.57
C ARG A 71 -11.24 -19.70 -18.57
N GLU A 72 -11.20 -20.12 -19.85
CA GLU A 72 -11.99 -19.51 -20.93
C GLU A 72 -13.46 -19.43 -20.56
N HIS A 73 -13.99 -20.54 -20.00
CA HIS A 73 -15.34 -20.61 -19.45
C HIS A 73 -15.55 -19.64 -18.26
N ASP A 74 -14.63 -19.66 -17.31
CA ASP A 74 -14.73 -18.85 -16.10
C ASP A 74 -14.78 -17.37 -16.41
N ALA A 75 -14.00 -16.96 -17.40
CA ALA A 75 -13.90 -15.55 -17.77
C ALA A 75 -15.27 -14.99 -18.22
N ASN A 76 -16.16 -15.91 -18.65
CA ASN A 76 -17.50 -15.60 -19.11
C ASN A 76 -18.58 -15.50 -18.00
N LYS A 77 -18.18 -15.61 -16.74
CA LYS A 77 -19.11 -15.42 -15.62
C LYS A 77 -19.71 -13.99 -15.60
N ILE A 78 -20.93 -13.89 -15.07
CA ILE A 78 -21.66 -12.62 -14.96
C ILE A 78 -20.89 -11.56 -14.19
N ASN A 79 -20.17 -12.02 -13.16
CA ASN A 79 -19.43 -11.13 -12.27
C ASN A 79 -18.10 -10.71 -12.84
N TYR A 80 -17.77 -11.22 -14.03
CA TYR A 80 -16.57 -10.75 -14.72
C TYR A 80 -16.89 -9.80 -15.89
N MET A 81 -18.15 -9.40 -16.04
CA MET A 81 -18.53 -8.55 -17.18
C MET A 81 -17.85 -7.15 -17.17
N TYR A 82 -17.89 -6.46 -16.04
CA TYR A 82 -17.24 -5.15 -15.93
C TYR A 82 -15.77 -5.24 -16.28
N ALA A 83 -15.16 -6.33 -15.82
CA ALA A 83 -13.76 -6.61 -16.08
C ALA A 83 -13.56 -6.74 -17.57
N GLN A 84 -14.40 -7.57 -18.18
CA GLN A 84 -14.40 -7.76 -19.64
C GLN A 84 -14.58 -6.45 -20.39
N TYR A 85 -15.56 -5.68 -19.95
CA TYR A 85 -15.91 -4.43 -20.56
C TYR A 85 -14.76 -3.45 -20.54
N VAL A 86 -14.05 -3.41 -19.43
CA VAL A 86 -12.95 -2.47 -19.29
C VAL A 86 -11.79 -2.94 -20.12
N LYS A 87 -11.57 -4.24 -20.17
CA LYS A 87 -10.41 -4.79 -20.88
C LYS A 87 -10.50 -4.59 -22.41
N ASN A 88 -11.70 -4.77 -22.95
CA ASN A 88 -11.91 -4.74 -24.39
C ASN A 88 -12.00 -3.30 -24.85
N THR A 89 -12.58 -2.48 -23.99
CA THR A 89 -12.79 -1.04 -24.21
C THR A 89 -11.50 -0.25 -23.97
N MET A 90 -10.70 -0.70 -23.02
CA MET A 90 -9.34 -0.19 -22.80
C MET A 90 -9.34 1.09 -21.96
N GLU A 91 -10.50 1.40 -21.37
CA GLU A 91 -10.71 2.64 -20.65
C GLU A 91 -11.49 2.34 -19.38
N PRO A 92 -11.45 3.25 -18.39
CA PRO A 92 -12.09 2.94 -17.11
C PRO A 92 -13.60 2.87 -17.21
N LEU A 93 -14.24 2.21 -16.27
CA LEU A 93 -15.69 2.26 -16.18
C LEU A 93 -16.06 2.69 -14.77
N ASN A 94 -16.99 3.65 -14.67
CA ASN A 94 -17.43 4.18 -13.39
C ASN A 94 -18.94 4.05 -13.27
N ILE A 95 -19.42 3.17 -12.41
CA ILE A 95 -20.88 3.08 -12.17
C ILE A 95 -21.26 3.57 -10.75
N PRO A 96 -22.26 4.49 -10.68
CA PRO A 96 -22.70 5.00 -9.38
C PRO A 96 -23.45 3.99 -8.51
N ASP A 97 -24.46 3.32 -9.07
CA ASP A 97 -25.28 2.33 -8.36
C ASP A 97 -25.42 1.20 -9.32
N VAL A 98 -24.65 0.13 -9.11
CA VAL A 98 -24.64 -1.01 -10.02
C VAL A 98 -26.03 -1.54 -10.38
N SER A 99 -27.00 -1.45 -9.44
CA SER A 99 -28.38 -1.85 -9.76
C SER A 99 -29.02 -0.91 -10.79
N LYS A 100 -29.11 0.37 -10.43
CA LYS A 100 -29.75 1.40 -11.26
C LYS A 100 -29.25 1.45 -12.71
N ASP A 101 -28.07 0.88 -12.96
CA ASP A 101 -27.43 0.93 -14.29
C ASP A 101 -28.12 0.03 -15.32
N LYS A 102 -28.23 0.52 -16.55
CA LYS A 102 -29.10 -0.05 -17.55
C LYS A 102 -28.41 -0.95 -18.59
N ARG A 103 -27.14 -0.69 -18.85
CA ARG A 103 -26.37 -1.47 -19.84
C ARG A 103 -25.93 -2.82 -19.31
N PHE A 104 -25.99 -3.02 -17.99
CA PHE A 104 -25.47 -4.24 -17.40
C PHE A 104 -26.55 -5.05 -16.71
N PRO A 105 -26.98 -6.14 -17.36
CA PRO A 105 -28.05 -7.05 -16.93
C PRO A 105 -27.70 -7.81 -15.66
N GLN A 117 -33.34 0.39 -0.62
CA GLN A 117 -32.23 -0.54 -0.85
C GLN A 117 -30.91 -0.08 -0.21
N CYS A 118 -29.91 -0.97 -0.26
CA CYS A 118 -28.50 -0.56 -0.10
C CYS A 118 -27.78 -0.59 -1.47
N ILE A 119 -27.40 0.59 -1.98
CA ILE A 119 -26.68 0.73 -3.27
C ILE A 119 -25.22 0.17 -3.27
N ARG A 120 -24.68 -0.09 -4.47
CA ARG A 120 -23.29 -0.51 -4.73
C ARG A 120 -22.66 0.43 -5.77
N SER A 121 -21.46 0.94 -5.50
CA SER A 121 -20.67 1.74 -6.46
C SER A 121 -19.47 0.95 -7.02
N LEU A 122 -19.09 1.24 -8.27
CA LEU A 122 -18.05 0.46 -8.96
C LEU A 122 -17.11 1.34 -9.75
N LEU A 123 -15.82 1.10 -9.59
CA LEU A 123 -14.78 1.73 -10.39
C LEU A 123 -13.80 0.71 -10.87
N CYS A 124 -13.79 0.51 -12.17
CA CYS A 124 -12.96 -0.48 -12.78
C CYS A 124 -11.97 0.19 -13.77
N THR A 125 -10.66 -0.02 -13.57
CA THR A 125 -9.64 0.64 -14.39
C THR A 125 -8.67 -0.34 -15.04
N PRO A 126 -8.29 -0.08 -16.31
CA PRO A 126 -7.35 -1.01 -16.95
C PRO A 126 -5.90 -0.83 -16.49
N ILE A 127 -5.19 -1.94 -16.36
CA ILE A 127 -3.76 -1.97 -16.15
C ILE A 127 -3.07 -2.21 -17.48
N LYS A 128 -2.23 -1.29 -17.89
CA LYS A 128 -1.61 -1.34 -19.19
C LYS A 128 -0.12 -1.65 -19.13
N ASN A 129 0.41 -2.05 -20.29
CA ASN A 129 1.85 -2.17 -20.46
C ASN A 129 2.46 -0.77 -20.54
N GLY A 130 3.74 -0.67 -20.18
CA GLY A 130 4.46 0.60 -20.22
C GLY A 130 4.01 1.43 -21.40
N LYS A 131 4.03 0.82 -22.58
CA LYS A 131 3.79 1.54 -23.81
C LYS A 131 2.32 1.90 -24.02
N LYS A 132 1.45 1.48 -23.10
CA LYS A 132 0.01 1.82 -23.12
C LYS A 132 -0.82 1.41 -24.36
N ASN A 133 -0.36 0.42 -25.11
CA ASN A 133 -1.13 -0.07 -26.25
C ASN A 133 -1.75 -1.45 -25.99
N LYS A 134 -1.58 -1.97 -24.77
CA LYS A 134 -2.15 -3.26 -24.44
C LYS A 134 -2.50 -3.43 -22.98
N VAL A 135 -3.73 -3.87 -22.75
CA VAL A 135 -4.22 -4.23 -21.44
C VAL A 135 -3.60 -5.54 -20.90
N ILE A 136 -2.94 -5.47 -19.75
CA ILE A 136 -2.36 -6.69 -19.16
C ILE A 136 -3.10 -7.13 -17.90
N GLY A 137 -4.01 -6.29 -17.41
CA GLY A 137 -4.90 -6.67 -16.35
C GLY A 137 -5.89 -5.56 -16.05
N VAL A 138 -6.62 -5.72 -14.95
CA VAL A 138 -7.71 -4.81 -14.63
C VAL A 138 -7.86 -4.73 -13.13
N CYS A 139 -8.17 -3.54 -12.66
CA CYS A 139 -8.38 -3.33 -11.26
C CYS A 139 -9.84 -2.91 -11.01
N GLN A 140 -10.58 -3.77 -10.30
CA GLN A 140 -12.00 -3.51 -10.01
C GLN A 140 -12.14 -3.20 -8.55
N LEU A 141 -12.76 -2.08 -8.24
CA LEU A 141 -12.96 -1.63 -6.88
C LEU A 141 -14.44 -1.50 -6.68
N VAL A 142 -14.92 -1.90 -5.50
CA VAL A 142 -16.35 -1.92 -5.21
C VAL A 142 -16.63 -1.22 -3.90
N ASN A 143 -17.66 -0.38 -3.88
CA ASN A 143 -18.15 0.24 -2.65
C ASN A 143 -17.19 1.18 -1.93
N LYS A 144 -16.86 2.27 -2.60
CA LYS A 144 -16.18 3.42 -2.05
C LYS A 144 -16.95 3.83 -0.83
N MET A 145 -16.26 4.10 0.27
CA MET A 145 -16.91 4.51 1.50
C MET A 145 -16.51 5.90 1.94
N GLU A 146 -17.36 6.52 2.75
CA GLU A 146 -17.12 7.85 3.29
C GLU A 146 -16.23 7.73 4.51
N ASN A 148 -15.07 8.05 7.38
CA ASN A 148 -15.55 7.77 8.73
C ASN A 148 -16.93 7.08 8.74
N THR A 149 -16.91 5.74 8.76
CA THR A 149 -18.11 4.88 8.92
C THR A 149 -19.31 5.26 8.05
N GLY A 150 -19.08 6.22 7.15
CA GLY A 150 -20.12 6.72 6.26
C GLY A 150 -20.60 5.63 5.32
N LYS A 151 -21.66 5.93 4.61
CA LYS A 151 -22.26 4.98 3.68
C LYS A 151 -21.32 4.68 2.51
N VAL A 152 -21.81 3.90 1.57
CA VAL A 152 -21.12 3.75 0.32
C VAL A 152 -21.45 5.00 -0.50
N LYS A 153 -20.52 5.40 -1.34
CA LYS A 153 -20.76 6.55 -2.18
C LYS A 153 -20.21 6.28 -3.55
N PRO A 154 -20.60 7.10 -4.53
CA PRO A 154 -20.03 6.98 -5.87
C PRO A 154 -18.53 7.26 -5.84
N PHE A 155 -17.81 6.73 -6.81
CA PHE A 155 -16.43 7.12 -7.05
C PHE A 155 -16.43 8.42 -7.81
N ASN A 156 -15.61 9.38 -7.41
CA ASN A 156 -15.53 10.67 -8.14
C ASN A 156 -14.31 10.75 -9.08
N ARG A 157 -14.08 11.93 -9.63
CA ARG A 157 -13.01 12.12 -10.62
C ARG A 157 -11.64 12.00 -9.99
N ASN A 158 -11.46 12.52 -8.77
CA ASN A 158 -10.20 12.30 -8.04
C ASN A 158 -9.98 10.81 -7.88
N ASP A 159 -11.01 10.08 -7.43
CA ASP A 159 -10.95 8.64 -7.38
C ASP A 159 -10.42 8.10 -8.72
N GLU A 160 -11.05 8.52 -9.81
CA GLU A 160 -10.64 8.06 -11.14
C GLU A 160 -9.21 8.49 -11.46
N GLN A 161 -8.88 9.75 -11.19
CA GLN A 161 -7.53 10.26 -11.40
C GLN A 161 -6.56 9.38 -10.63
N PHE A 162 -6.86 9.13 -9.36
CA PHE A 162 -5.91 8.51 -8.45
C PHE A 162 -5.57 7.11 -8.87
N LEU A 163 -6.59 6.37 -9.30
CA LEU A 163 -6.44 4.96 -9.66
C LEU A 163 -5.70 4.86 -10.99
N GLU A 164 -5.91 5.87 -11.83
CA GLU A 164 -5.22 5.93 -13.12
C GLU A 164 -3.74 6.08 -12.90
N ALA A 165 -3.36 6.77 -11.83
CA ALA A 165 -1.98 6.90 -11.53
C ALA A 165 -1.46 5.66 -10.83
N PHE A 166 -2.32 5.00 -10.07
CA PHE A 166 -1.94 3.83 -9.26
C PHE A 166 -1.61 2.59 -10.10
N VAL A 167 -2.39 2.35 -11.15
CA VAL A 167 -2.18 1.18 -11.98
C VAL A 167 -0.92 1.22 -12.84
N ILE A 168 -0.40 2.40 -13.09
CA ILE A 168 0.87 2.51 -13.80
C ILE A 168 1.99 1.77 -13.07
N PHE A 169 2.07 1.94 -11.77
CA PHE A 169 3.12 1.24 -11.08
C PHE A 169 2.76 -0.26 -10.89
N CYS A 170 1.47 -0.55 -10.82
CA CYS A 170 0.97 -1.93 -10.86
C CYS A 170 1.45 -2.71 -12.10
N GLY A 171 1.38 -2.06 -13.27
CA GLY A 171 1.79 -2.66 -14.52
C GLY A 171 3.23 -3.08 -14.43
N LEU A 172 4.08 -2.15 -13.97
CA LEU A 172 5.52 -2.39 -13.81
C LEU A 172 5.76 -3.53 -12.85
N GLY A 173 5.05 -3.52 -11.72
CA GLY A 173 5.23 -4.55 -10.71
C GLY A 173 4.96 -5.89 -11.37
N ILE A 174 3.71 -6.10 -11.80
CA ILE A 174 3.24 -7.28 -12.52
C ILE A 174 4.20 -7.75 -13.61
N GLN A 175 4.58 -6.87 -14.53
CA GLN A 175 5.51 -7.24 -15.60
C GLN A 175 6.87 -7.75 -15.13
N ASN A 176 7.41 -7.13 -14.07
CA ASN A 176 8.70 -7.57 -13.54
C ASN A 176 8.58 -9.00 -13.07
N THR A 177 7.38 -9.31 -12.54
CA THR A 177 7.05 -10.62 -12.01
C THR A 177 6.89 -11.71 -13.08
N GLN A 178 6.21 -11.41 -14.19
CA GLN A 178 6.20 -12.31 -15.35
C GLN A 178 7.53 -12.24 -16.10
N MET A 179 8.56 -11.71 -15.41
CA MET A 179 9.92 -11.49 -15.96
C MET A 179 9.97 -11.07 -17.42
N GLU B 14 13.33 -22.13 8.22
CA GLU B 14 14.32 -21.91 9.34
C GLU B 14 14.22 -20.49 9.91
N THR B 15 15.35 -19.79 9.93
CA THR B 15 15.40 -18.41 10.44
C THR B 15 14.71 -17.43 9.50
N ALA B 16 14.53 -17.80 8.24
CA ALA B 16 13.80 -16.94 7.31
C ALA B 16 12.35 -16.82 7.76
N SER B 17 11.82 -17.91 8.27
CA SER B 17 10.46 -17.93 8.77
C SER B 17 10.36 -17.16 10.06
N LEU B 18 11.36 -17.36 10.91
CA LEU B 18 11.50 -16.61 12.13
C LEU B 18 11.65 -15.11 11.85
N GLU B 19 12.45 -14.74 10.85
CA GLU B 19 12.60 -13.32 10.51
C GLU B 19 11.30 -12.71 9.94
N VAL B 20 10.46 -13.54 9.33
CA VAL B 20 9.15 -13.05 8.85
C VAL B 20 8.15 -12.81 10.01
N ILE B 21 8.05 -13.74 10.95
CA ILE B 21 7.14 -13.50 12.08
C ILE B 21 7.49 -12.22 12.79
N LEU B 22 8.77 -12.02 13.01
CA LEU B 22 9.25 -10.86 13.74
C LEU B 22 8.78 -9.58 13.10
N LYS B 23 8.86 -9.50 11.78
CA LYS B 23 8.33 -8.35 11.05
C LYS B 23 6.81 -8.20 11.33
N LYS B 24 6.07 -9.28 11.20
CA LYS B 24 4.63 -9.23 11.43
C LYS B 24 4.34 -8.73 12.82
N ILE B 25 5.09 -9.23 13.80
CA ILE B 25 4.82 -8.92 15.19
C ILE B 25 5.03 -7.45 15.40
N ALA B 26 6.14 -6.92 14.90
CA ALA B 26 6.40 -5.48 15.08
C ALA B 26 5.33 -4.62 14.40
N ALA B 27 5.04 -4.85 13.11
CA ALA B 27 4.02 -4.07 12.40
C ALA B 27 2.68 -4.09 13.14
N THR B 28 2.29 -5.27 13.63
CA THR B 28 1.05 -5.47 14.39
C THR B 28 0.99 -4.68 15.72
N ILE B 29 2.03 -4.81 16.53
CA ILE B 29 2.15 -4.09 17.77
C ILE B 29 2.11 -2.58 17.56
N ILE B 30 2.84 -2.09 16.55
CA ILE B 30 2.80 -0.68 16.21
C ILE B 30 1.38 -0.24 15.83
N SER B 31 0.72 -1.05 15.02
CA SER B 31 -0.68 -0.78 14.64
C SER B 31 -1.65 -0.69 15.81
N PHE B 32 -1.61 -1.70 16.68
CA PHE B 32 -2.53 -1.79 17.78
C PHE B 32 -2.26 -0.86 18.94
N MET B 33 -0.97 -0.56 19.22
CA MET B 33 -0.63 0.26 20.40
C MET B 33 -0.42 1.75 20.12
N GLN B 34 -0.19 2.13 18.85
CA GLN B 34 0.06 3.55 18.50
C GLN B 34 1.43 4.04 19.09
N VAL B 35 2.44 3.18 18.98
CA VAL B 35 3.79 3.53 19.37
C VAL B 35 4.60 3.86 18.11
N GLN B 36 5.76 4.47 18.32
CA GLN B 36 6.63 4.89 17.25
C GLN B 36 7.65 3.81 16.92
N LYS B 37 8.22 3.18 17.95
CA LYS B 37 9.29 2.20 17.80
C LYS B 37 8.90 0.88 18.41
N CYS B 38 9.30 -0.20 17.77
CA CYS B 38 9.18 -1.50 18.36
C CYS B 38 10.44 -2.25 18.07
N THR B 39 10.94 -2.99 19.05
CA THR B 39 12.10 -3.86 18.83
C THR B 39 11.79 -5.22 19.44
N ILE B 40 11.99 -6.29 18.66
CA ILE B 40 11.79 -7.64 19.19
C ILE B 40 13.16 -8.29 19.35
N PHE B 41 13.47 -8.62 20.60
CA PHE B 41 14.71 -9.23 20.97
C PHE B 41 14.39 -10.71 21.11
N ILE B 42 15.24 -11.59 20.59
CA ILE B 42 15.01 -13.03 20.73
C ILE B 42 16.19 -13.54 21.47
N VAL B 43 15.99 -14.22 22.59
CA VAL B 43 17.16 -14.62 23.34
C VAL B 43 17.93 -15.59 22.45
N ASP B 44 19.20 -15.27 22.23
CA ASP B 44 20.12 -16.19 21.59
C ASP B 44 20.08 -17.46 22.42
N GLU B 45 19.81 -18.58 21.76
CA GLU B 45 19.80 -19.89 22.41
C GLU B 45 21.21 -20.34 22.92
N ASP B 46 22.27 -19.98 22.18
CA ASP B 46 23.66 -20.36 22.53
C ASP B 46 24.27 -19.53 23.69
N CYS B 47 24.24 -18.21 23.54
CA CYS B 47 24.61 -17.26 24.58
C CYS B 47 23.33 -16.57 25.16
N SER B 48 22.88 -17.03 26.32
CA SER B 48 21.69 -16.47 26.97
C SER B 48 21.82 -14.97 27.31
N ASP B 49 23.07 -14.49 27.42
CA ASP B 49 23.38 -13.07 27.68
C ASP B 49 23.04 -12.16 26.50
N SER B 50 23.03 -12.73 25.29
CA SER B 50 22.96 -11.97 24.05
C SER B 50 21.63 -12.19 23.34
N PHE B 51 21.53 -11.59 22.15
CA PHE B 51 20.33 -11.66 21.33
C PHE B 51 20.69 -12.31 20.01
N SER B 52 19.95 -13.35 19.63
CA SER B 52 20.13 -14.03 18.34
C SER B 52 19.51 -13.19 17.25
N SER B 53 18.30 -12.70 17.49
CA SER B 53 17.70 -11.73 16.59
C SER B 53 17.28 -10.48 17.34
N VAL B 54 17.43 -9.35 16.69
CA VAL B 54 16.95 -8.09 17.19
C VAL B 54 16.20 -7.44 16.02
N PHE B 55 14.89 -7.70 15.89
CA PHE B 55 14.10 -7.05 14.82
C PHE B 55 13.55 -5.69 15.22
N HIS B 56 13.87 -4.65 14.43
CA HIS B 56 13.45 -3.28 14.72
C HIS B 56 12.56 -2.66 13.63
N MET B 57 11.59 -1.88 14.09
CA MET B 57 10.69 -1.12 13.25
C MET B 57 10.37 0.23 13.86
N GLU B 58 10.17 1.24 13.03
CA GLU B 58 9.63 2.51 13.51
C GLU B 58 8.80 3.29 12.50
N CYS B 59 7.92 4.13 13.04
CA CYS B 59 7.12 5.09 12.28
C CYS B 59 7.10 6.34 13.09
N GLU B 60 7.32 7.49 12.45
CA GLU B 60 7.38 8.78 13.14
C GLU B 60 7.18 9.97 12.23
N GLU B 61 6.43 10.98 12.67
CA GLU B 61 6.46 12.28 12.01
C GLU B 61 7.62 13.02 12.63
N LEU B 62 8.65 13.34 11.85
CA LEU B 62 9.89 13.92 12.43
C LEU B 62 9.91 15.43 12.62
N GLU B 63 8.89 16.11 12.09
CA GLU B 63 8.80 17.56 12.22
C GLU B 63 7.39 18.06 12.59
N LYS B 64 7.27 18.56 13.82
CA LYS B 64 6.14 19.36 14.27
C LYS B 64 6.81 20.46 15.09
N SER B 65 7.23 21.54 14.41
CA SER B 65 8.10 22.53 15.06
C SER B 65 7.82 24.01 14.69
N SER B 66 8.86 24.76 14.30
CA SER B 66 8.74 26.19 13.94
C SER B 66 9.91 26.74 13.11
N ASP B 67 9.86 26.53 11.78
CA ASP B 67 10.89 26.97 10.83
C ASP B 67 11.70 28.19 11.31
N THR B 70 13.76 26.27 13.25
CA THR B 70 13.66 25.03 14.03
C THR B 70 13.39 23.79 13.17
N ARG B 71 12.62 23.94 12.09
CA ARG B 71 12.56 22.95 11.01
C ARG B 71 13.59 23.31 9.93
N GLU B 72 13.76 24.62 9.74
CA GLU B 72 14.77 25.20 8.85
C GLU B 72 16.16 24.63 9.19
N HIS B 73 16.57 24.84 10.44
CA HIS B 73 17.85 24.36 10.96
C HIS B 73 18.00 22.82 10.91
N ASP B 74 16.88 22.09 10.92
CA ASP B 74 16.88 20.62 10.80
C ASP B 74 17.27 20.09 9.41
N ALA B 75 16.96 20.89 8.37
CA ALA B 75 17.38 20.61 6.99
C ALA B 75 18.91 20.62 6.82
N ASN B 76 19.57 21.50 7.58
CA ASN B 76 21.05 21.63 7.62
C ASN B 76 21.78 20.33 7.97
N LYS B 77 21.07 19.42 8.65
CA LYS B 77 21.64 18.20 9.25
C LYS B 77 22.10 17.13 8.23
N ILE B 78 23.19 16.43 8.59
CA ILE B 78 23.91 15.50 7.69
C ILE B 78 23.15 14.24 7.20
N ASN B 79 22.04 13.88 7.86
CA ASN B 79 21.26 12.75 7.37
C ASN B 79 20.14 13.18 6.40
N TYR B 80 19.87 14.49 6.37
CA TYR B 80 18.91 15.09 5.42
C TYR B 80 19.54 15.51 4.11
N MET B 81 20.85 15.25 4.00
CA MET B 81 21.73 15.65 2.89
C MET B 81 21.11 15.37 1.52
N TYR B 82 21.01 14.08 1.23
CA TYR B 82 20.55 13.56 -0.04
C TYR B 82 19.16 14.01 -0.45
N ALA B 83 18.35 14.37 0.54
CA ALA B 83 16.97 14.81 0.32
C ALA B 83 16.91 16.15 -0.41
N GLN B 84 17.76 17.06 0.04
CA GLN B 84 17.88 18.38 -0.56
C GLN B 84 18.59 18.25 -1.88
N TYR B 85 19.60 17.38 -1.92
CA TYR B 85 20.30 17.05 -3.17
C TYR B 85 19.31 16.66 -4.28
N VAL B 86 18.26 15.89 -3.94
CA VAL B 86 17.26 15.48 -4.95
C VAL B 86 16.13 16.51 -5.18
N LYS B 87 15.58 17.06 -4.12
CA LYS B 87 14.74 18.25 -4.25
C LYS B 87 15.55 19.21 -5.14
N ASN B 88 16.85 19.26 -4.84
CA ASN B 88 17.81 20.13 -5.48
C ASN B 88 18.34 19.66 -6.83
N THR B 89 17.77 18.61 -7.41
CA THR B 89 18.14 18.22 -8.78
C THR B 89 16.95 17.79 -9.64
N MET B 90 15.91 17.22 -9.03
CA MET B 90 14.69 16.80 -9.74
C MET B 90 14.90 15.41 -10.40
N GLU B 91 15.87 14.67 -9.84
CA GLU B 91 16.46 13.49 -10.44
C GLU B 91 16.85 12.44 -9.42
N PRO B 92 16.64 11.17 -9.73
CA PRO B 92 16.98 10.15 -8.74
C PRO B 92 18.46 10.17 -8.29
N LEU B 93 18.73 9.95 -7.01
CA LEU B 93 20.10 9.73 -6.57
C LEU B 93 20.29 8.28 -6.16
N ASN B 94 21.40 7.69 -6.63
CA ASN B 94 21.60 6.28 -6.45
C ASN B 94 23.02 5.97 -5.97
N ILE B 95 23.16 5.56 -4.69
CA ILE B 95 24.50 5.34 -4.08
C ILE B 95 24.75 3.88 -3.65
N PRO B 96 25.34 3.07 -4.53
CA PRO B 96 25.54 1.62 -4.29
C PRO B 96 26.15 1.18 -2.93
N ASP B 97 27.23 1.84 -2.51
CA ASP B 97 27.78 1.64 -1.19
C ASP B 97 28.19 3.00 -0.62
N VAL B 98 27.50 3.44 0.43
CA VAL B 98 27.66 4.79 0.99
C VAL B 98 28.99 4.99 1.71
N SER B 99 29.42 3.97 2.46
CA SER B 99 30.75 3.98 3.11
C SER B 99 31.86 4.33 2.13
N LYS B 100 31.77 3.76 0.93
CA LYS B 100 32.79 3.95 -0.09
C LYS B 100 32.54 5.16 -1.02
N ASP B 101 31.43 5.88 -0.83
CA ASP B 101 31.09 6.96 -1.78
C ASP B 101 31.82 8.27 -1.52
N LYS B 102 32.03 9.03 -2.60
CA LYS B 102 32.91 10.21 -2.57
C LYS B 102 32.22 11.56 -2.91
N ARG B 103 30.88 11.57 -2.97
CA ARG B 103 30.16 12.84 -3.18
C ARG B 103 29.66 13.49 -1.86
N PHE B 104 29.56 12.65 -0.80
CA PHE B 104 29.09 13.09 0.53
C PHE B 104 30.02 12.58 1.63
N PRO B 105 30.27 13.40 2.68
CA PRO B 105 31.06 12.96 3.84
C PRO B 105 30.66 11.60 4.45
N ILE B 119 23.51 1.01 7.23
CA ILE B 119 23.48 2.08 6.22
C ILE B 119 24.59 1.95 5.16
N ARG B 120 24.16 1.81 3.91
CA ARG B 120 25.00 1.28 2.83
C ARG B 120 24.51 1.77 1.45
N SER B 121 23.50 1.10 0.91
CA SER B 121 22.89 1.45 -0.39
C SER B 121 21.71 2.39 -0.23
N LEU B 122 21.53 3.30 -1.19
CA LEU B 122 20.49 4.31 -1.10
C LEU B 122 19.95 4.76 -2.44
N LEU B 123 18.64 4.68 -2.55
CA LEU B 123 17.90 5.28 -3.64
C LEU B 123 17.06 6.42 -3.07
N CYS B 124 16.96 7.50 -3.85
CA CYS B 124 16.23 8.68 -3.44
C CYS B 124 15.70 9.40 -4.66
N THR B 125 14.39 9.62 -4.69
CA THR B 125 13.63 9.97 -5.90
C THR B 125 12.69 11.15 -5.62
N PRO B 126 12.64 12.13 -6.54
CA PRO B 126 11.72 13.23 -6.31
C PRO B 126 10.28 12.78 -6.46
N ILE B 127 9.46 13.18 -5.50
CA ILE B 127 8.01 13.22 -5.67
C ILE B 127 7.64 14.56 -6.29
N LYS B 128 7.23 14.48 -7.56
CA LYS B 128 6.79 15.65 -8.32
C LYS B 128 5.27 15.76 -8.22
N ASN B 129 4.69 16.76 -8.89
CA ASN B 129 3.27 17.06 -8.76
C ASN B 129 2.48 16.89 -10.06
N GLY B 130 1.14 16.89 -9.94
CA GLY B 130 0.19 16.66 -11.03
C GLY B 130 0.67 16.90 -12.46
N LYS B 131 0.67 18.16 -12.89
CA LYS B 131 1.14 18.54 -14.22
C LYS B 131 2.59 19.08 -14.21
N LYS B 132 3.50 18.31 -13.58
CA LYS B 132 4.92 18.66 -13.41
C LYS B 132 5.16 20.13 -13.04
N ASN B 133 4.31 20.63 -12.14
CA ASN B 133 4.43 22.00 -11.62
C ASN B 133 5.84 22.18 -11.06
N LYS B 134 6.17 21.40 -10.02
CA LYS B 134 7.49 21.37 -9.36
C LYS B 134 7.70 20.12 -8.49
N VAL B 135 8.41 20.26 -7.37
CA VAL B 135 8.68 19.11 -6.50
C VAL B 135 8.03 19.28 -5.12
N ILE B 136 7.34 18.24 -4.66
CA ILE B 136 6.62 18.33 -3.39
C ILE B 136 7.12 17.34 -2.33
N GLY B 137 8.00 16.43 -2.72
CA GLY B 137 8.59 15.56 -1.74
C GLY B 137 9.74 14.73 -2.24
N VAL B 138 10.30 13.95 -1.32
CA VAL B 138 11.35 13.02 -1.69
C VAL B 138 11.17 11.68 -0.96
N CYS B 139 11.35 10.60 -1.71
CA CYS B 139 11.44 9.28 -1.17
C CYS B 139 12.85 8.85 -1.02
N GLN B 140 13.29 8.65 0.20
CA GLN B 140 14.54 8.00 0.38
C GLN B 140 14.26 6.57 0.68
N LEU B 141 14.96 5.67 0.02
CA LEU B 141 14.94 4.31 0.48
C LEU B 141 16.36 3.91 0.86
N VAL B 142 16.50 3.14 1.94
CA VAL B 142 17.83 2.65 2.34
C VAL B 142 17.87 1.11 2.35
N ASN B 143 18.98 0.57 1.82
CA ASN B 143 19.26 -0.87 1.83
C ASN B 143 18.23 -1.72 1.11
N LYS B 144 18.31 -1.79 -0.22
CA LYS B 144 17.54 -2.78 -0.93
C LYS B 144 18.12 -4.05 -0.40
N MET B 145 17.29 -5.07 -0.24
CA MET B 145 17.80 -6.36 0.17
C MET B 145 17.49 -7.49 -0.82
N GLU B 146 18.12 -8.64 -0.59
CA GLU B 146 17.98 -9.76 -1.52
C GLU B 146 17.07 -10.86 -0.91
N GLU B 147 16.20 -11.43 -1.75
CA GLU B 147 15.22 -12.42 -1.26
C GLU B 147 15.80 -13.86 -1.32
N GLY B 150 18.40 -12.54 2.25
CA GLY B 150 19.77 -12.49 1.74
C GLY B 150 20.56 -11.29 2.24
N LYS B 151 21.35 -10.68 1.34
CA LYS B 151 22.24 -9.53 1.65
C LYS B 151 21.61 -8.14 1.38
N VAL B 152 22.33 -7.06 1.73
CA VAL B 152 22.03 -5.69 1.25
C VAL B 152 22.71 -5.43 -0.14
N LYS B 153 22.04 -4.64 -0.97
CA LYS B 153 22.24 -4.58 -2.41
C LYS B 153 22.13 -3.14 -2.89
N PRO B 154 22.72 -2.81 -4.05
CA PRO B 154 22.52 -1.50 -4.68
C PRO B 154 21.13 -1.39 -5.30
N PHE B 155 20.66 -0.16 -5.52
CA PHE B 155 19.41 0.04 -6.26
C PHE B 155 19.70 0.19 -7.73
N ASN B 156 18.96 -0.55 -8.56
CA ASN B 156 19.21 -0.52 -10.01
C ASN B 156 18.24 0.37 -10.74
N ARG B 157 18.50 0.51 -12.05
CA ARG B 157 17.72 1.31 -12.98
C ARG B 157 16.26 0.88 -12.97
N ASN B 158 16.05 -0.43 -12.86
CA ASN B 158 14.72 -1.01 -12.73
C ASN B 158 13.98 -0.61 -11.42
N ASP B 159 14.71 -0.48 -10.30
CA ASP B 159 14.11 -0.02 -9.04
C ASP B 159 13.72 1.43 -9.25
N GLU B 160 14.63 2.21 -9.82
CA GLU B 160 14.36 3.59 -10.15
C GLU B 160 13.06 3.72 -10.91
N GLN B 161 12.97 2.99 -12.03
CA GLN B 161 11.79 3.08 -12.88
C GLN B 161 10.55 2.70 -12.09
N PHE B 162 10.68 1.72 -11.21
CA PHE B 162 9.57 1.37 -10.38
C PHE B 162 9.22 2.49 -9.40
N LEU B 163 10.22 3.06 -8.74
CA LEU B 163 9.98 4.16 -7.80
C LEU B 163 9.39 5.38 -8.46
N GLU B 164 9.86 5.63 -9.70
CA GLU B 164 9.36 6.76 -10.49
C GLU B 164 7.87 6.59 -10.74
N ALA B 165 7.43 5.39 -11.08
CA ALA B 165 6.02 5.18 -11.35
C ALA B 165 5.21 5.25 -10.05
N PHE B 166 5.85 4.93 -8.94
CA PHE B 166 5.17 4.84 -7.65
C PHE B 166 4.77 6.21 -7.09
N VAL B 167 5.69 7.18 -7.17
CA VAL B 167 5.49 8.50 -6.59
C VAL B 167 4.46 9.33 -7.33
N ILE B 168 4.14 8.94 -8.57
CA ILE B 168 3.10 9.60 -9.33
C ILE B 168 1.80 9.55 -8.53
N PHE B 169 1.35 8.37 -8.10
CA PHE B 169 0.07 8.32 -7.35
C PHE B 169 0.18 8.95 -5.96
N CYS B 170 1.35 8.79 -5.34
CA CYS B 170 1.68 9.41 -4.07
C CYS B 170 1.50 10.92 -4.11
N GLY B 171 2.09 11.52 -5.13
CA GLY B 171 2.02 12.95 -5.31
C GLY B 171 0.58 13.39 -5.41
N LEU B 172 -0.21 12.57 -6.08
CA LEU B 172 -1.59 12.91 -6.33
C LEU B 172 -2.42 12.66 -5.07
N GLY B 173 -1.97 11.77 -4.21
CA GLY B 173 -2.65 11.53 -2.95
C GLY B 173 -2.32 12.62 -1.95
N ILE B 174 -1.06 13.01 -1.89
CA ILE B 174 -0.60 14.04 -0.97
C ILE B 174 -1.32 15.39 -1.21
N GLN B 175 -1.48 15.76 -2.47
CA GLN B 175 -2.15 16.99 -2.87
C GLN B 175 -3.62 17.04 -2.50
N ASN B 176 -4.24 15.87 -2.39
CA ASN B 176 -5.68 15.79 -2.14
C ASN B 176 -6.03 16.11 -0.73
N THR B 177 -5.09 15.81 0.16
CA THR B 177 -5.28 15.94 1.59
C THR B 177 -5.09 17.38 2.05
N GLN B 178 -4.75 18.28 1.13
CA GLN B 178 -4.76 19.70 1.45
C GLN B 178 -5.91 20.43 0.76
N MET B 179 -5.98 20.33 -0.57
CA MET B 179 -6.97 21.08 -1.34
C MET B 179 -8.43 20.79 -0.90
N TYR B 180 -8.71 19.53 -0.54
CA TYR B 180 -10.03 19.12 -0.05
C TYR B 180 -10.31 19.65 1.36
#